data_9BQD
#
_entry.id   9BQD
#
_cell.length_a   83.940
_cell.length_b   83.940
_cell.length_c   127.124
_cell.angle_alpha   90.00
_cell.angle_beta   90.00
_cell.angle_gamma   90.00
#
_symmetry.space_group_name_H-M   'P 41 21 2'
#
loop_
_entity.id
_entity.type
_entity.pdbx_description
1 polymer 'DNA topoisomerase 2-beta'
2 non-polymer 'PHOSPHOAMINOPHOSPHONIC ACID-ADENYLATE ESTER'
3 non-polymer 8-(3,4-dihydroquinoline-1(2H)-carbonyl)-7-[2-(4-methylpiperazin-1-yl)ethoxy]-4-propyl-2H-1-benzopyran-2-one
4 non-polymer 'MAGNESIUM ION'
5 water water
#
_entity_poly.entity_id   1
_entity_poly.type   'polypeptide(L)'
_entity_poly.pdbx_seq_one_letter_code
;SNASVERVYQKKTQLEHILLRPDTYIGSVEPLTQFMWVYDEDVGMNCREVTFVPGLYKIFDEILVNAADNKQRDKNMTCI
KVSIDPESNIISIWNNGKGIPVVEHKVEKVYVPALIFGQLLTSSNYDDDEKKVTGGRNGYGAKLCNIFSTKFTVETACKE
YKHSFKQTWMNNMMKTSEAKIKHFDGEDYTCITFQPDLSKFKMEKLDKDIVALMTRRAYDLAGSCRGVKVMFNGKKLPVN
GFRSYVDLYVKDKLDETGVALKVIHELANERWDVCLTLSEKGFQQISFVNSIATTKGGRHVDYVVDQVVGKLIEVVKKKN
KAGVSVKPFQVKNHIWVFINCLIENPTFDSQTKENMTLQPKSFGSKCQLSEKFFKAASNCGIVESILNWVKFKAQTQ
;
_entity_poly.pdbx_strand_id   A
#
loop_
_chem_comp.id
_chem_comp.type
_chem_comp.name
_chem_comp.formula
A1ASC non-polymer 8-(3,4-dihydroquinoline-1(2H)-carbonyl)-7-[2-(4-methylpiperazin-1-yl)ethoxy]-4-propyl-2H-1-benzopyran-2-one 'C29 H35 N3 O4'
ANP non-polymer 'PHOSPHOAMINOPHOSPHONIC ACID-ADENYLATE ESTER' 'C10 H17 N6 O12 P3'
MG non-polymer 'MAGNESIUM ION' 'Mg 2'
#
# COMPACT_ATOMS: atom_id res chain seq x y z
N ALA A 3 23.56 21.06 -33.00
CA ALA A 3 22.40 21.38 -32.16
C ALA A 3 22.57 22.76 -31.52
N SER A 4 21.55 23.61 -31.66
CA SER A 4 21.68 24.94 -31.10
C SER A 4 21.57 24.90 -29.58
N VAL A 5 21.88 26.04 -28.96
CA VAL A 5 21.75 26.22 -27.51
C VAL A 5 20.33 25.91 -27.04
N GLU A 6 19.33 26.37 -27.79
CA GLU A 6 17.93 26.21 -27.39
C GLU A 6 17.43 24.78 -27.54
N ARG A 7 18.06 23.99 -28.42
CA ARG A 7 17.74 22.58 -28.54
C ARG A 7 18.43 21.74 -27.50
N VAL A 8 19.64 22.13 -27.10
CA VAL A 8 20.39 21.38 -26.10
C VAL A 8 19.83 21.64 -24.71
N TYR A 9 19.70 22.90 -24.33
CA TYR A 9 19.30 23.28 -22.95
C TYR A 9 17.81 23.58 -22.95
N GLN A 10 17.03 22.73 -22.27
CA GLN A 10 15.58 22.78 -22.31
C GLN A 10 15.01 22.90 -20.91
N LYS A 11 13.90 23.62 -20.81
CA LYS A 11 13.10 23.69 -19.59
C LYS A 11 11.77 22.97 -19.84
N LYS A 12 11.31 22.23 -18.83
CA LYS A 12 10.03 21.55 -18.91
C LYS A 12 9.08 22.11 -17.85
N THR A 13 7.78 22.06 -18.16
CA THR A 13 6.78 22.28 -17.12
C THR A 13 6.66 21.04 -16.25
N GLN A 14 6.04 21.21 -15.09
CA GLN A 14 5.84 20.08 -14.19
C GLN A 14 5.03 18.97 -14.84
N LEU A 15 3.96 19.34 -15.54
CA LEU A 15 3.12 18.36 -16.22
C LEU A 15 3.88 17.68 -17.35
N GLU A 16 4.70 18.44 -18.09
CA GLU A 16 5.55 17.80 -19.11
C GLU A 16 6.51 16.82 -18.48
N HIS A 17 7.08 17.20 -17.35
CA HIS A 17 8.12 16.38 -16.71
C HIS A 17 7.57 15.05 -16.25
N ILE A 18 6.32 15.02 -15.78
CA ILE A 18 5.72 13.77 -15.32
C ILE A 18 5.61 12.77 -16.46
N LEU A 19 5.19 13.23 -17.64
CA LEU A 19 5.07 12.32 -18.79
C LEU A 19 6.42 11.95 -19.36
N LEU A 20 7.40 12.85 -19.30
CA LEU A 20 8.73 12.57 -19.84
C LEU A 20 9.56 11.69 -18.90
N ARG A 21 9.36 11.83 -17.60
CA ARG A 21 10.15 11.14 -16.59
C ARG A 21 9.23 10.48 -15.59
N PRO A 22 8.42 9.52 -16.04
CA PRO A 22 7.40 8.94 -15.14
C PRO A 22 7.99 8.17 -13.99
N ASP A 23 9.23 7.72 -14.11
CA ASP A 23 9.74 6.70 -13.19
C ASP A 23 9.80 7.19 -11.76
N THR A 24 10.15 8.46 -11.52
CA THR A 24 10.22 8.86 -10.12
C THR A 24 8.85 9.18 -9.54
N TYR A 25 7.82 9.26 -10.36
CA TYR A 25 6.48 9.58 -9.89
C TYR A 25 5.65 8.32 -9.66
N ILE A 26 5.68 7.38 -10.62
CA ILE A 26 4.85 6.18 -10.57
C ILE A 26 5.64 4.90 -10.72
N GLY A 27 6.96 4.97 -10.91
CA GLY A 27 7.71 3.77 -11.22
C GLY A 27 7.78 3.51 -12.71
N SER A 28 8.38 2.39 -13.06
CA SER A 28 8.63 2.10 -14.47
C SER A 28 7.35 1.98 -15.27
N VAL A 29 7.37 2.51 -16.50
CA VAL A 29 6.26 2.37 -17.43
C VAL A 29 6.54 1.27 -18.45
N GLU A 30 7.56 0.47 -18.20
CA GLU A 30 7.89 -0.69 -19.01
C GLU A 30 7.61 -1.95 -18.20
N PRO A 31 7.38 -3.07 -18.87
CA PRO A 31 7.09 -4.31 -18.15
C PRO A 31 8.25 -4.79 -17.31
N LEU A 32 7.89 -5.46 -16.22
CA LEU A 32 8.81 -6.08 -15.27
C LEU A 32 8.28 -7.48 -15.04
N THR A 33 9.18 -8.47 -14.97
CA THR A 33 8.82 -9.82 -14.54
C THR A 33 9.53 -10.14 -13.24
N GLN A 34 8.76 -10.53 -12.22
CA GLN A 34 9.38 -10.96 -10.98
C GLN A 34 8.45 -11.87 -10.22
N PHE A 35 9.05 -12.62 -9.29
CA PHE A 35 8.28 -13.46 -8.39
C PHE A 35 7.66 -12.59 -7.32
N MET A 36 6.37 -12.75 -7.14
CA MET A 36 5.69 -12.01 -6.08
C MET A 36 4.37 -12.69 -5.79
N TRP A 37 3.69 -12.20 -4.77
CA TRP A 37 2.39 -12.73 -4.37
C TRP A 37 1.30 -11.99 -5.11
N VAL A 38 0.35 -12.75 -5.66
CA VAL A 38 -0.84 -12.19 -6.29
C VAL A 38 -2.04 -13.05 -5.91
N TYR A 39 -3.24 -12.54 -6.19
CA TYR A 39 -4.49 -13.22 -5.85
C TYR A 39 -5.14 -13.60 -7.18
N ASP A 40 -4.99 -14.87 -7.59
CA ASP A 40 -5.46 -15.34 -8.90
C ASP A 40 -6.86 -15.91 -8.78
N GLU A 41 -7.60 -15.89 -9.90
CA GLU A 41 -8.96 -16.40 -9.93
C GLU A 41 -9.02 -17.90 -9.70
N ASP A 42 -7.96 -18.62 -10.09
CA ASP A 42 -8.00 -20.09 -9.99
C ASP A 42 -7.45 -20.64 -8.67
N VAL A 43 -6.43 -20.00 -8.10
CA VAL A 43 -5.74 -20.55 -6.93
C VAL A 43 -5.72 -19.61 -5.75
N GLY A 44 -6.27 -18.40 -5.89
CA GLY A 44 -6.22 -17.46 -4.78
C GLY A 44 -4.80 -16.98 -4.57
N MET A 45 -4.43 -16.78 -3.31
CA MET A 45 -3.13 -16.22 -2.98
C MET A 45 -2.04 -17.22 -3.34
N ASN A 46 -1.04 -16.76 -4.07
CA ASN A 46 0.05 -17.63 -4.45
C ASN A 46 1.22 -16.78 -4.90
N CYS A 47 2.42 -17.37 -4.83
CA CYS A 47 3.66 -16.71 -5.21
C CYS A 47 4.10 -17.32 -6.53
N ARG A 48 4.25 -16.46 -7.55
CA ARG A 48 4.59 -16.91 -8.89
C ARG A 48 5.28 -15.77 -9.62
N GLU A 49 5.85 -16.09 -10.79
CA GLU A 49 6.34 -15.03 -11.68
C GLU A 49 5.14 -14.26 -12.24
N VAL A 50 5.23 -12.94 -12.17
CA VAL A 50 4.20 -12.03 -12.65
C VAL A 50 4.87 -11.03 -13.56
N THR A 51 4.23 -10.73 -14.68
CA THR A 51 4.68 -9.70 -15.60
C THR A 51 3.68 -8.55 -15.58
N PHE A 52 4.16 -7.36 -15.20
CA PHE A 52 3.26 -6.22 -15.03
C PHE A 52 4.08 -4.94 -15.20
N VAL A 53 3.36 -3.84 -15.39
CA VAL A 53 3.97 -2.51 -15.51
C VAL A 53 3.83 -1.81 -14.16
N PRO A 54 4.92 -1.53 -13.48
CA PRO A 54 4.81 -0.92 -12.15
C PRO A 54 3.97 0.36 -12.10
N GLY A 55 4.12 1.25 -13.08
CA GLY A 55 3.38 2.50 -13.05
C GLY A 55 1.87 2.31 -13.07
N LEU A 56 1.40 1.24 -13.71
CA LEU A 56 -0.03 1.00 -13.74
C LEU A 56 -0.53 0.49 -12.39
N TYR A 57 0.21 -0.45 -11.79
CA TYR A 57 -0.03 -0.83 -10.41
C TYR A 57 -0.09 0.41 -9.51
N LYS A 58 0.85 1.33 -9.68
CA LYS A 58 0.92 2.45 -8.74
C LYS A 58 -0.20 3.47 -8.91
N ILE A 59 -0.65 3.76 -10.13
CA ILE A 59 -1.76 4.73 -10.23
C ILE A 59 -3.02 4.17 -9.57
N PHE A 60 -3.25 2.85 -9.68
CA PHE A 60 -4.31 2.19 -8.92
C PHE A 60 -4.05 2.31 -7.42
N ASP A 61 -2.83 2.02 -7.00
CA ASP A 61 -2.50 2.07 -5.57
C ASP A 61 -2.73 3.45 -4.98
N GLU A 62 -2.41 4.51 -5.74
CA GLU A 62 -2.61 5.85 -5.20
C GLU A 62 -4.06 6.07 -4.81
N ILE A 63 -4.98 5.62 -5.65
CA ILE A 63 -6.40 5.83 -5.37
C ILE A 63 -6.86 4.94 -4.22
N LEU A 64 -6.35 3.71 -4.15
CA LEU A 64 -6.71 2.78 -3.09
C LEU A 64 -6.26 3.30 -1.73
N VAL A 65 -5.01 3.76 -1.63
CA VAL A 65 -4.52 4.27 -0.35
C VAL A 65 -5.25 5.56 0.01
N ASN A 66 -5.62 6.38 -0.97
CA ASN A 66 -6.42 7.56 -0.66
C ASN A 66 -7.75 7.17 0.00
N ALA A 67 -8.35 6.07 -0.46
CA ALA A 67 -9.59 5.64 0.18
C ALA A 67 -9.33 5.19 1.61
N ALA A 68 -8.29 4.40 1.82
CA ALA A 68 -7.93 4.00 3.18
C ALA A 68 -7.67 5.21 4.06
N ASP A 69 -7.04 6.25 3.51
CA ASP A 69 -6.71 7.44 4.27
C ASP A 69 -7.97 8.11 4.79
N ASN A 70 -9.11 7.91 4.12
CA ASN A 70 -10.33 8.57 4.60
C ASN A 70 -10.75 8.06 5.96
N LYS A 71 -10.29 6.89 6.38
CA LYS A 71 -10.60 6.40 7.72
C LYS A 71 -10.02 7.31 8.78
N GLN A 72 -8.94 8.04 8.46
CA GLN A 72 -8.36 8.96 9.42
C GLN A 72 -9.14 10.25 9.50
N ARG A 73 -9.73 10.68 8.37
CA ARG A 73 -10.56 11.88 8.37
C ARG A 73 -11.92 11.62 9.02
N ASP A 74 -12.42 10.39 8.91
CA ASP A 74 -13.71 10.02 9.48
C ASP A 74 -13.61 8.58 10.00
N LYS A 75 -13.46 8.44 11.33
CA LYS A 75 -13.32 7.13 11.92
C LYS A 75 -14.58 6.28 11.77
N ASN A 76 -15.72 6.90 11.42
CA ASN A 76 -16.94 6.15 11.19
C ASN A 76 -16.99 5.45 9.83
N MET A 77 -16.04 5.71 8.93
CA MET A 77 -15.99 4.99 7.67
C MET A 77 -16.00 3.50 7.91
N THR A 78 -16.72 2.75 7.07
CA THR A 78 -16.79 1.30 7.25
C THR A 78 -16.40 0.46 6.03
N CYS A 79 -16.28 1.04 4.83
CA CYS A 79 -16.27 0.19 3.65
C CYS A 79 -15.56 0.87 2.49
N ILE A 80 -14.76 0.07 1.77
CA ILE A 80 -14.19 0.42 0.48
C ILE A 80 -14.63 -0.64 -0.51
N LYS A 81 -15.07 -0.21 -1.70
CA LYS A 81 -15.50 -1.15 -2.74
C LYS A 81 -14.66 -0.91 -3.97
N VAL A 82 -14.04 -1.97 -4.46
CA VAL A 82 -13.15 -1.92 -5.62
C VAL A 82 -13.82 -2.70 -6.74
N SER A 83 -13.83 -2.13 -7.94
CA SER A 83 -14.36 -2.82 -9.12
CA SER A 83 -14.36 -2.82 -9.11
C SER A 83 -13.35 -2.71 -10.24
N ILE A 84 -13.09 -3.82 -10.93
CA ILE A 84 -12.21 -3.84 -12.09
C ILE A 84 -12.92 -4.59 -13.22
N ASP A 85 -13.13 -3.91 -14.35
CA ASP A 85 -13.72 -4.52 -15.55
C ASP A 85 -12.72 -4.45 -16.69
N PRO A 86 -11.99 -5.52 -16.98
CA PRO A 86 -11.00 -5.45 -18.07
C PRO A 86 -11.62 -5.18 -19.43
N GLU A 87 -12.83 -5.69 -19.69
CA GLU A 87 -13.38 -5.53 -21.03
C GLU A 87 -13.67 -4.07 -21.35
N SER A 88 -14.21 -3.33 -20.38
CA SER A 88 -14.50 -1.93 -20.59
C SER A 88 -13.35 -1.03 -20.18
N ASN A 89 -12.33 -1.58 -19.52
CA ASN A 89 -11.17 -0.85 -19.05
C ASN A 89 -11.52 0.19 -17.97
N ILE A 90 -12.49 -0.13 -17.13
CA ILE A 90 -12.95 0.78 -16.08
C ILE A 90 -12.60 0.21 -14.71
N ILE A 91 -11.93 1.01 -13.89
CA ILE A 91 -11.67 0.71 -12.49
C ILE A 91 -12.40 1.74 -11.64
N SER A 92 -13.06 1.30 -10.59
CA SER A 92 -13.68 2.22 -9.66
C SER A 92 -13.31 1.85 -8.23
N ILE A 93 -13.07 2.89 -7.42
CA ILE A 93 -12.78 2.73 -5.99
C ILE A 93 -13.70 3.68 -5.25
N TRP A 94 -14.57 3.11 -4.44
CA TRP A 94 -15.60 3.83 -3.68
C TRP A 94 -15.33 3.67 -2.21
N ASN A 95 -15.61 4.71 -1.46
CA ASN A 95 -15.50 4.64 0.00
C ASN A 95 -16.65 5.43 0.61
N ASN A 96 -17.02 5.04 1.83
CA ASN A 96 -17.97 5.83 2.61
C ASN A 96 -17.22 6.61 3.69
N GLY A 97 -17.94 7.08 4.69
CA GLY A 97 -17.42 8.12 5.55
C GLY A 97 -17.44 9.45 4.82
N LYS A 98 -16.94 10.48 5.51
CA LYS A 98 -17.14 11.84 5.04
C LYS A 98 -16.65 12.03 3.61
N GLY A 99 -17.45 12.72 2.81
CA GLY A 99 -17.03 13.16 1.51
C GLY A 99 -16.09 14.35 1.59
N ILE A 100 -15.79 14.90 0.43
CA ILE A 100 -14.94 16.09 0.33
C ILE A 100 -15.83 17.33 0.28
N PRO A 101 -15.50 18.40 1.01
CA PRO A 101 -16.33 19.61 0.95
C PRO A 101 -16.60 20.08 -0.47
N VAL A 102 -17.88 20.19 -0.81
CA VAL A 102 -18.31 20.68 -2.12
C VAL A 102 -18.57 22.18 -1.94
N VAL A 103 -17.50 22.95 -2.11
CA VAL A 103 -17.52 24.39 -1.84
C VAL A 103 -16.33 24.99 -2.54
N GLU A 104 -16.42 26.28 -2.84
CA GLU A 104 -15.31 26.99 -3.46
C GLU A 104 -14.23 27.28 -2.41
N HIS A 105 -13.00 26.88 -2.73
CA HIS A 105 -11.83 27.25 -1.96
C HIS A 105 -11.61 28.74 -2.12
N LYS A 106 -11.55 29.45 -1.00
CA LYS A 106 -11.57 30.91 -1.06
C LYS A 106 -10.25 31.50 -1.52
N VAL A 107 -9.17 30.73 -1.51
CA VAL A 107 -7.86 31.19 -1.99
C VAL A 107 -7.64 30.78 -3.44
N GLU A 108 -7.86 29.51 -3.76
CA GLU A 108 -7.62 29.02 -5.12
C GLU A 108 -8.77 29.25 -6.07
N LYS A 109 -9.96 29.62 -5.55
CA LYS A 109 -11.09 30.08 -6.37
C LYS A 109 -11.59 29.00 -7.32
N VAL A 110 -11.59 27.75 -6.84
CA VAL A 110 -12.11 26.60 -7.56
C VAL A 110 -12.76 25.73 -6.51
N TYR A 111 -13.61 24.81 -6.96
CA TYR A 111 -14.19 23.83 -6.05
C TYR A 111 -13.09 22.95 -5.45
N VAL A 112 -13.20 22.68 -4.15
CA VAL A 112 -12.17 21.88 -3.47
C VAL A 112 -11.87 20.57 -4.20
N PRO A 113 -12.84 19.76 -4.61
CA PRO A 113 -12.47 18.51 -5.30
C PRO A 113 -11.71 18.76 -6.60
N ALA A 114 -12.05 19.83 -7.31
CA ALA A 114 -11.35 20.17 -8.54
C ALA A 114 -9.90 20.57 -8.27
N LEU A 115 -9.67 21.27 -7.15
CA LEU A 115 -8.31 21.66 -6.78
C LEU A 115 -7.44 20.44 -6.52
N ILE A 116 -7.95 19.52 -5.68
CA ILE A 116 -7.11 18.46 -5.14
C ILE A 116 -7.03 17.25 -6.05
N PHE A 117 -7.89 17.15 -7.08
CA PHE A 117 -7.77 16.10 -8.10
C PHE A 117 -7.25 16.62 -9.43
N GLY A 118 -7.24 17.94 -9.64
CA GLY A 118 -6.88 18.49 -10.93
C GLY A 118 -5.71 19.45 -10.97
N GLN A 119 -5.08 19.73 -9.82
CA GLN A 119 -3.90 20.60 -9.78
C GLN A 119 -2.80 19.91 -8.99
N LEU A 120 -1.58 19.98 -9.51
CA LEU A 120 -0.47 19.35 -8.81
C LEU A 120 -0.16 20.04 -7.49
N LEU A 121 0.42 19.26 -6.58
CA LEU A 121 0.93 19.77 -5.30
C LEU A 121 -0.20 20.30 -4.40
N THR A 122 -1.24 19.50 -4.25
CA THR A 122 -2.42 19.86 -3.48
C THR A 122 -2.73 18.72 -2.52
N SER A 123 -3.03 19.06 -1.26
CA SER A 123 -3.10 18.01 -0.24
C SER A 123 -3.72 18.56 1.02
N SER A 124 -4.31 17.65 1.79
CA SER A 124 -4.66 17.92 3.18
C SER A 124 -3.58 17.43 4.15
N ASN A 125 -2.45 16.95 3.63
CA ASN A 125 -1.40 16.34 4.44
C ASN A 125 -0.13 17.17 4.49
N TYR A 126 -0.23 18.49 4.30
CA TYR A 126 0.96 19.33 4.27
C TYR A 126 1.28 19.99 5.62
N ASP A 127 0.41 19.88 6.64
CA ASP A 127 0.67 20.48 7.95
C ASP A 127 1.13 19.37 8.90
N ASP A 128 2.44 19.28 9.11
CA ASP A 128 2.98 18.15 9.86
C ASP A 128 2.88 18.33 11.37
N ASP A 129 2.45 19.48 11.87
CA ASP A 129 2.12 19.57 13.28
C ASP A 129 0.96 18.68 13.66
N GLU A 130 0.11 18.37 12.71
CA GLU A 130 -0.84 17.28 12.89
C GLU A 130 -0.05 16.02 12.65
N LYS A 131 0.01 15.15 13.63
CA LYS A 131 0.74 13.90 13.47
C LYS A 131 -0.27 12.90 12.93
N LYS A 132 -0.32 12.73 11.63
CA LYS A 132 -1.31 11.84 11.05
C LYS A 132 -0.69 10.50 10.66
N VAL A 133 -1.55 9.47 10.61
CA VAL A 133 -1.14 8.14 10.16
C VAL A 133 -1.80 7.85 8.82
N THR A 134 -2.03 8.87 8.03
CA THR A 134 -2.39 8.66 6.63
C THR A 134 -1.17 8.23 5.84
N GLY A 135 -1.43 7.52 4.72
CA GLY A 135 -0.37 7.25 3.77
C GLY A 135 -0.02 8.43 2.90
N GLY A 136 -0.98 9.33 2.66
CA GLY A 136 -0.73 10.49 1.82
C GLY A 136 0.19 11.50 2.50
N ARG A 137 1.15 12.01 1.72
CA ARG A 137 2.12 12.98 2.22
C ARG A 137 2.45 14.08 1.22
N ASN A 138 2.38 13.82 -0.09
CA ASN A 138 3.06 14.67 -1.04
C ASN A 138 2.17 15.53 -1.92
N GLY A 139 0.87 15.24 -2.03
CA GLY A 139 0.01 16.04 -2.88
C GLY A 139 0.10 15.74 -4.36
N TYR A 140 0.49 14.51 -4.72
CA TYR A 140 0.61 14.07 -6.12
C TYR A 140 -0.33 12.94 -6.51
N GLY A 141 -0.56 11.97 -5.62
CA GLY A 141 -1.04 10.65 -6.06
C GLY A 141 -2.24 10.66 -6.98
N ALA A 142 -3.29 11.39 -6.59
CA ALA A 142 -4.51 11.38 -7.38
C ALA A 142 -4.29 12.06 -8.72
N LYS A 143 -3.48 13.13 -8.75
CA LYS A 143 -3.21 13.78 -10.03
C LYS A 143 -2.41 12.85 -10.94
N LEU A 144 -1.51 12.05 -10.37
CA LEU A 144 -0.76 11.11 -11.19
C LEU A 144 -1.71 10.10 -11.85
N CYS A 145 -2.68 9.57 -11.10
CA CYS A 145 -3.65 8.67 -11.72
C CYS A 145 -4.41 9.37 -12.85
N ASN A 146 -4.87 10.61 -12.61
CA ASN A 146 -5.56 11.41 -13.61
C ASN A 146 -4.70 11.54 -14.88
N ILE A 147 -3.44 11.96 -14.69
CA ILE A 147 -2.55 12.16 -15.83
C ILE A 147 -2.37 10.89 -16.64
N PHE A 148 -2.33 9.72 -15.99
CA PHE A 148 -2.14 8.45 -16.67
C PHE A 148 -3.45 7.74 -17.01
N SER A 149 -4.55 8.50 -17.09
CA SER A 149 -5.87 7.98 -17.46
C SER A 149 -6.40 8.70 -18.68
N THR A 150 -7.09 7.96 -19.55
CA THR A 150 -7.78 8.61 -20.65
C THR A 150 -9.10 9.22 -20.18
N LYS A 151 -9.66 8.71 -19.08
CA LYS A 151 -10.86 9.29 -18.46
C LYS A 151 -10.73 9.09 -16.96
N PHE A 152 -11.07 10.14 -16.21
CA PHE A 152 -10.90 10.12 -14.75
C PHE A 152 -12.05 10.93 -14.17
N THR A 153 -12.89 10.27 -13.38
CA THR A 153 -14.10 10.88 -12.83
C THR A 153 -14.03 10.89 -11.32
N VAL A 154 -14.31 12.04 -10.73
CA VAL A 154 -14.42 12.21 -9.29
C VAL A 154 -15.88 12.49 -8.97
N GLU A 155 -16.47 11.64 -8.14
CA GLU A 155 -17.80 11.85 -7.57
CA GLU A 155 -17.80 11.87 -7.57
C GLU A 155 -17.67 11.87 -6.05
N THR A 156 -18.19 12.91 -5.41
CA THR A 156 -18.13 12.98 -3.95
C THR A 156 -19.37 13.70 -3.44
N ALA A 157 -19.87 13.25 -2.30
CA ALA A 157 -21.08 13.81 -1.73
C ALA A 157 -20.85 14.04 -0.26
N CYS A 158 -21.20 15.24 0.21
CA CYS A 158 -20.80 15.71 1.54
C CYS A 158 -22.02 16.39 2.16
N LYS A 159 -22.70 15.65 3.03
CA LYS A 159 -23.94 16.15 3.63
C LYS A 159 -23.71 17.50 4.31
N GLU A 160 -22.57 17.66 4.99
CA GLU A 160 -22.29 18.90 5.72
C GLU A 160 -22.44 20.12 4.82
N TYR A 161 -21.99 20.01 3.57
CA TYR A 161 -22.07 21.10 2.61
C TYR A 161 -23.29 21.00 1.71
N LYS A 162 -24.14 19.99 1.92
CA LYS A 162 -25.44 19.86 1.26
C LYS A 162 -25.35 19.75 -0.26
N HIS A 163 -24.21 19.24 -0.76
CA HIS A 163 -24.05 19.12 -2.18
C HIS A 163 -23.23 17.90 -2.54
N SER A 164 -23.50 17.38 -3.73
CA SER A 164 -22.64 16.41 -4.39
C SER A 164 -21.95 17.08 -5.57
N PHE A 165 -20.83 16.48 -5.97
CA PHE A 165 -19.94 17.00 -7.00
C PHE A 165 -19.57 15.85 -7.92
N LYS A 166 -19.61 16.09 -9.22
CA LYS A 166 -19.12 15.11 -10.19
C LYS A 166 -18.41 15.87 -11.29
N GLN A 167 -17.13 15.53 -11.50
CA GLN A 167 -16.37 16.13 -12.59
C GLN A 167 -15.54 15.05 -13.27
N THR A 168 -15.41 15.16 -14.58
CA THR A 168 -14.63 14.21 -15.36
C THR A 168 -13.52 14.93 -16.09
N TRP A 169 -12.32 14.36 -16.02
CA TRP A 169 -11.20 14.77 -16.82
C TRP A 169 -10.97 13.72 -17.89
N MET A 170 -10.38 14.15 -19.01
CA MET A 170 -10.05 13.24 -20.09
C MET A 170 -8.68 13.57 -20.63
N ASN A 171 -8.11 12.61 -21.35
CA ASN A 171 -6.90 12.84 -22.14
C ASN A 171 -5.73 13.28 -21.25
N ASN A 172 -5.46 12.47 -20.21
CA ASN A 172 -4.26 12.67 -19.40
C ASN A 172 -4.33 13.99 -18.66
N MET A 173 -5.50 14.29 -18.12
CA MET A 173 -5.80 15.49 -17.33
C MET A 173 -5.75 16.77 -18.16
N MET A 174 -5.76 16.68 -19.49
CA MET A 174 -5.64 17.88 -20.30
CA MET A 174 -5.64 17.86 -20.34
C MET A 174 -6.99 18.45 -20.75
N LYS A 175 -8.07 17.74 -20.53
CA LYS A 175 -9.40 18.21 -20.90
C LYS A 175 -10.36 17.96 -19.74
N THR A 176 -11.22 18.92 -19.48
CA THR A 176 -12.28 18.70 -18.50
C THR A 176 -13.45 19.59 -18.87
N SER A 177 -14.50 19.54 -18.06
CA SER A 177 -15.67 20.35 -18.31
C SER A 177 -16.31 20.67 -16.96
N GLU A 178 -17.30 21.55 -17.00
CA GLU A 178 -17.91 22.05 -15.78
C GLU A 178 -18.38 20.89 -14.90
N ALA A 179 -18.09 20.99 -13.61
CA ALA A 179 -18.58 19.99 -12.67
C ALA A 179 -20.10 20.08 -12.55
N LYS A 180 -20.72 18.94 -12.24
CA LYS A 180 -22.14 18.87 -11.91
C LYS A 180 -22.29 18.94 -10.40
N ILE A 181 -22.97 19.98 -9.93
CA ILE A 181 -23.21 20.21 -8.50
C ILE A 181 -24.70 20.05 -8.28
N LYS A 182 -25.08 19.26 -7.26
CA LYS A 182 -26.47 18.96 -6.98
C LYS A 182 -26.71 18.91 -5.49
N HIS A 183 -27.97 19.09 -5.10
CA HIS A 183 -28.35 18.96 -3.70
C HIS A 183 -28.08 17.55 -3.20
N PHE A 184 -27.56 17.46 -1.98
CA PHE A 184 -27.30 16.16 -1.39
C PHE A 184 -27.58 16.20 0.09
N ASP A 185 -28.26 15.17 0.59
CA ASP A 185 -28.59 15.11 2.00
C ASP A 185 -28.56 13.67 2.49
N GLY A 186 -27.78 12.81 1.83
CA GLY A 186 -27.75 11.40 2.19
C GLY A 186 -26.47 10.96 2.87
N GLU A 187 -26.11 9.70 2.71
CA GLU A 187 -24.89 9.17 3.31
C GLU A 187 -23.68 9.52 2.44
N ASP A 188 -22.68 10.15 3.04
CA ASP A 188 -21.52 10.61 2.28
C ASP A 188 -20.78 9.46 1.63
N TYR A 189 -20.10 9.78 0.52
CA TYR A 189 -19.23 8.82 -0.14
C TYR A 189 -18.31 9.59 -1.08
N THR A 190 -17.28 8.90 -1.56
CA THR A 190 -16.46 9.35 -2.67
C THR A 190 -16.22 8.15 -3.59
N CYS A 191 -16.30 8.38 -4.89
CA CYS A 191 -16.05 7.33 -5.86
C CYS A 191 -15.18 7.89 -6.97
N ILE A 192 -14.04 7.25 -7.19
CA ILE A 192 -13.11 7.60 -8.23
C ILE A 192 -13.20 6.50 -9.27
N THR A 193 -13.52 6.87 -10.51
CA THR A 193 -13.69 5.93 -11.61
C THR A 193 -12.74 6.36 -12.72
N PHE A 194 -11.88 5.45 -13.17
CA PHE A 194 -10.89 5.82 -14.17
C PHE A 194 -10.67 4.73 -15.18
N GLN A 195 -10.27 5.14 -16.38
CA GLN A 195 -9.84 4.27 -17.46
C GLN A 195 -8.36 4.51 -17.67
N PRO A 196 -7.48 3.61 -17.22
CA PRO A 196 -6.05 3.87 -17.34
C PRO A 196 -5.64 3.96 -18.82
N ASP A 197 -4.69 4.85 -19.11
CA ASP A 197 -4.22 5.06 -20.49
C ASP A 197 -3.20 3.95 -20.78
N LEU A 198 -3.71 2.83 -21.28
CA LEU A 198 -2.85 1.65 -21.45
C LEU A 198 -1.75 1.90 -22.46
N SER A 199 -1.96 2.83 -23.41
CA SER A 199 -0.89 3.15 -24.35
C SER A 199 0.33 3.69 -23.64
N LYS A 200 0.16 4.35 -22.49
CA LYS A 200 1.30 4.85 -21.74
C LYS A 200 2.15 3.74 -21.16
N PHE A 201 1.55 2.56 -21.04
CA PHE A 201 2.17 1.38 -20.45
C PHE A 201 2.41 0.28 -21.48
N LYS A 202 2.23 0.59 -22.78
CA LYS A 202 2.44 -0.36 -23.86
C LYS A 202 1.62 -1.64 -23.67
N MET A 203 0.38 -1.47 -23.23
CA MET A 203 -0.54 -2.58 -22.99
C MET A 203 -1.78 -2.45 -23.84
N GLU A 204 -2.39 -3.60 -24.16
CA GLU A 204 -3.65 -3.60 -24.90
C GLU A 204 -4.88 -3.74 -24.01
N LYS A 205 -4.72 -4.33 -22.84
CA LYS A 205 -5.86 -4.65 -21.98
C LYS A 205 -5.31 -4.88 -20.58
N LEU A 206 -6.17 -4.71 -19.59
CA LEU A 206 -5.85 -5.16 -18.23
C LEU A 206 -5.85 -6.69 -18.23
N ASP A 207 -4.66 -7.28 -18.22
CA ASP A 207 -4.49 -8.73 -18.33
C ASP A 207 -4.60 -9.41 -16.96
N LYS A 208 -4.47 -10.73 -16.95
CA LYS A 208 -4.71 -11.47 -15.71
C LYS A 208 -3.69 -11.10 -14.64
N ASP A 209 -2.44 -10.84 -15.03
CA ASP A 209 -1.42 -10.58 -14.03
C ASP A 209 -1.66 -9.27 -13.29
N ILE A 210 -1.91 -8.17 -14.02
CA ILE A 210 -2.16 -6.90 -13.34
C ILE A 210 -3.43 -6.98 -12.52
N VAL A 211 -4.47 -7.66 -13.03
CA VAL A 211 -5.70 -7.79 -12.24
C VAL A 211 -5.42 -8.58 -10.96
N ALA A 212 -4.60 -9.63 -11.03
CA ALA A 212 -4.32 -10.42 -9.83
C ALA A 212 -3.52 -9.62 -8.81
N LEU A 213 -2.66 -8.73 -9.28
CA LEU A 213 -1.92 -7.84 -8.38
C LEU A 213 -2.83 -6.79 -7.74
N MET A 214 -3.67 -6.13 -8.55
CA MET A 214 -4.62 -5.17 -7.99
C MET A 214 -5.58 -5.85 -7.03
N THR A 215 -6.03 -7.06 -7.36
CA THR A 215 -6.90 -7.80 -6.45
C THR A 215 -6.17 -8.06 -5.13
N ARG A 216 -4.90 -8.47 -5.19
CA ARG A 216 -4.20 -8.73 -3.95
C ARG A 216 -4.11 -7.47 -3.09
N ARG A 217 -3.91 -6.29 -3.72
CA ARG A 217 -3.88 -5.07 -2.92
C ARG A 217 -5.19 -4.86 -2.16
N ALA A 218 -6.32 -5.23 -2.75
CA ALA A 218 -7.58 -5.15 -2.04
C ALA A 218 -7.59 -6.09 -0.82
N TYR A 219 -7.06 -7.32 -0.98
CA TYR A 219 -6.89 -8.20 0.18
C TYR A 219 -5.96 -7.58 1.22
N ASP A 220 -4.84 -7.00 0.79
CA ASP A 220 -3.93 -6.33 1.70
C ASP A 220 -4.70 -5.33 2.57
N LEU A 221 -5.54 -4.52 1.91
CA LEU A 221 -6.27 -3.47 2.61
C LEU A 221 -7.26 -4.06 3.61
N ALA A 222 -7.92 -5.15 3.22
CA ALA A 222 -8.77 -5.86 4.17
C ALA A 222 -7.97 -6.30 5.40
N GLY A 223 -6.69 -6.65 5.22
CA GLY A 223 -5.87 -7.03 6.35
C GLY A 223 -5.26 -5.87 7.12
N SER A 224 -5.00 -4.74 6.45
CA SER A 224 -4.21 -3.68 7.05
C SER A 224 -5.03 -2.55 7.64
N CYS A 225 -6.21 -2.27 7.10
CA CYS A 225 -6.96 -1.06 7.44
C CYS A 225 -8.01 -1.44 8.47
N ARG A 226 -7.72 -1.14 9.74
CA ARG A 226 -8.57 -1.63 10.81
C ARG A 226 -9.96 -1.02 10.72
N GLY A 227 -10.98 -1.87 10.83
CA GLY A 227 -12.35 -1.40 10.90
C GLY A 227 -12.99 -1.10 9.57
N VAL A 228 -12.33 -1.43 8.48
CA VAL A 228 -12.86 -1.17 7.13
C VAL A 228 -13.01 -2.51 6.44
N LYS A 229 -14.22 -2.79 5.96
CA LYS A 229 -14.46 -3.96 5.13
C LYS A 229 -14.18 -3.59 3.68
N VAL A 230 -13.72 -4.58 2.91
CA VAL A 230 -13.38 -4.37 1.51
C VAL A 230 -14.20 -5.31 0.66
N MET A 231 -14.78 -4.77 -0.41
N MET A 231 -14.76 -4.77 -0.41
CA MET A 231 -15.48 -5.57 -1.40
CA MET A 231 -15.50 -5.53 -1.42
C MET A 231 -14.73 -5.46 -2.72
C MET A 231 -14.71 -5.46 -2.71
N PHE A 232 -14.68 -6.58 -3.44
CA PHE A 232 -14.02 -6.64 -4.74
C PHE A 232 -15.03 -7.21 -5.72
N ASN A 233 -15.33 -6.45 -6.78
CA ASN A 233 -16.31 -6.85 -7.78
C ASN A 233 -17.59 -7.36 -7.13
N GLY A 234 -18.03 -6.64 -6.10
CA GLY A 234 -19.35 -6.83 -5.55
C GLY A 234 -19.43 -7.86 -4.46
N LYS A 235 -18.30 -8.40 -4.03
CA LYS A 235 -18.29 -9.45 -3.00
C LYS A 235 -17.32 -9.08 -1.90
N LYS A 236 -17.78 -9.22 -0.65
CA LYS A 236 -16.92 -8.92 0.49
C LYS A 236 -15.74 -9.87 0.53
N LEU A 237 -14.57 -9.32 0.84
CA LEU A 237 -13.39 -10.16 1.00
C LEU A 237 -13.39 -10.76 2.40
N PRO A 238 -13.21 -12.06 2.53
CA PRO A 238 -13.36 -12.73 3.83
C PRO A 238 -12.08 -12.66 4.68
N VAL A 239 -11.64 -11.44 4.94
CA VAL A 239 -10.45 -11.19 5.75
C VAL A 239 -10.86 -10.12 6.74
N ASN A 240 -10.68 -10.41 8.03
CA ASN A 240 -11.27 -9.61 9.10
C ASN A 240 -10.24 -9.01 10.04
N GLY A 241 -9.02 -8.82 9.57
CA GLY A 241 -7.95 -8.36 10.42
C GLY A 241 -6.63 -8.94 9.97
N PHE A 242 -5.56 -8.50 10.62
CA PHE A 242 -4.24 -8.79 10.07
C PHE A 242 -3.88 -10.26 10.22
N ARG A 243 -4.24 -10.90 11.34
CA ARG A 243 -3.88 -12.29 11.50
CA ARG A 243 -3.90 -12.30 11.51
C ARG A 243 -4.53 -13.17 10.44
N SER A 244 -5.81 -12.90 10.12
CA SER A 244 -6.48 -13.67 9.08
C SER A 244 -5.88 -13.41 7.71
N TYR A 245 -5.39 -12.20 7.47
CA TYR A 245 -4.65 -11.90 6.25
C TYR A 245 -3.36 -12.72 6.18
N VAL A 246 -2.59 -12.74 7.27
CA VAL A 246 -1.34 -13.48 7.27
C VAL A 246 -1.60 -14.97 7.00
N ASP A 247 -2.73 -15.49 7.46
CA ASP A 247 -3.08 -16.88 7.24
C ASP A 247 -3.13 -17.23 5.75
N LEU A 248 -3.44 -16.26 4.90
CA LEU A 248 -3.46 -16.51 3.46
C LEU A 248 -2.09 -16.95 2.92
N TYR A 249 -1.02 -16.59 3.60
CA TYR A 249 0.33 -16.95 3.22
C TYR A 249 0.82 -18.21 3.90
N VAL A 250 0.48 -18.42 5.17
CA VAL A 250 1.22 -19.37 5.97
C VAL A 250 0.38 -20.49 6.57
N LYS A 251 -0.95 -20.39 6.54
CA LYS A 251 -1.75 -21.38 7.29
C LYS A 251 -1.60 -22.79 6.74
N ASP A 252 -1.38 -22.94 5.42
CA ASP A 252 -1.33 -24.24 4.75
C ASP A 252 0.09 -24.62 4.30
N LYS A 253 1.12 -24.00 4.88
CA LYS A 253 2.49 -24.18 4.44
C LYS A 253 3.23 -25.08 5.41
N LEU A 254 4.11 -25.92 4.86
CA LEU A 254 4.99 -26.79 5.63
C LEU A 254 6.42 -26.31 5.45
N ASP A 255 7.27 -26.64 6.41
CA ASP A 255 8.71 -26.46 6.22
C ASP A 255 9.25 -27.62 5.39
N GLU A 256 10.54 -27.55 5.06
N GLU A 256 10.55 -27.54 5.08
CA GLU A 256 11.10 -28.54 4.15
CA GLU A 256 11.16 -28.51 4.18
C GLU A 256 11.14 -29.94 4.75
C GLU A 256 11.12 -29.93 4.75
N THR A 257 11.00 -30.06 6.06
CA THR A 257 10.96 -31.36 6.71
C THR A 257 9.53 -31.90 6.82
N GLY A 258 8.56 -31.16 6.30
CA GLY A 258 7.18 -31.61 6.30
C GLY A 258 6.39 -31.24 7.52
N VAL A 259 6.88 -30.32 8.34
CA VAL A 259 6.18 -29.86 9.54
C VAL A 259 5.54 -28.51 9.25
N ALA A 260 4.30 -28.33 9.71
CA ALA A 260 3.60 -27.07 9.47
C ALA A 260 4.41 -25.91 10.02
N LEU A 261 4.39 -24.78 9.32
CA LEU A 261 5.05 -23.61 9.88
C LEU A 261 4.36 -23.20 11.17
N LYS A 262 5.16 -22.91 12.18
CA LYS A 262 4.65 -22.35 13.44
C LYS A 262 4.68 -20.83 13.31
N VAL A 263 3.53 -20.21 13.44
CA VAL A 263 3.36 -18.78 13.24
C VAL A 263 3.07 -18.15 14.59
N ILE A 264 3.86 -17.15 14.95
CA ILE A 264 3.66 -16.45 16.21
C ILE A 264 3.15 -15.06 15.89
N HIS A 265 2.40 -14.51 16.83
CA HIS A 265 1.68 -13.26 16.62
C HIS A 265 1.71 -12.45 17.90
N GLU A 266 1.88 -11.15 17.76
CA GLU A 266 1.58 -10.24 18.86
C GLU A 266 1.05 -8.91 18.32
N LEU A 267 -0.10 -8.48 18.84
CA LEU A 267 -0.54 -7.09 18.68
C LEU A 267 0.09 -6.32 19.83
N ALA A 268 1.25 -5.68 19.55
CA ALA A 268 1.97 -5.02 20.64
C ALA A 268 1.17 -3.85 21.21
N ASN A 269 0.54 -3.08 20.33
CA ASN A 269 -0.41 -2.04 20.66
C ASN A 269 -1.22 -1.80 19.40
N GLU A 270 -2.09 -0.79 19.45
CA GLU A 270 -2.98 -0.56 18.32
C GLU A 270 -2.20 -0.30 17.06
N ARG A 271 -0.99 0.25 17.21
CA ARG A 271 -0.27 0.71 16.04
C ARG A 271 0.73 -0.30 15.50
N TRP A 272 0.88 -1.47 16.12
CA TRP A 272 1.89 -2.45 15.70
C TRP A 272 1.33 -3.86 15.81
N ASP A 273 1.21 -4.53 14.68
CA ASP A 273 0.73 -5.91 14.62
C ASP A 273 1.82 -6.72 13.92
N VAL A 274 2.31 -7.77 14.57
CA VAL A 274 3.49 -8.51 14.10
C VAL A 274 3.20 -10.01 14.10
N CYS A 275 3.48 -10.67 12.98
CA CYS A 275 3.55 -12.12 12.91
C CYS A 275 4.95 -12.53 12.43
N LEU A 276 5.36 -13.73 12.83
CA LEU A 276 6.70 -14.22 12.51
C LEU A 276 6.64 -15.72 12.32
N THR A 277 7.39 -16.21 11.34
CA THR A 277 7.60 -17.64 11.19
C THR A 277 8.97 -17.89 10.54
N LEU A 278 9.25 -19.15 10.30
CA LEU A 278 10.50 -19.57 9.68
C LEU A 278 10.46 -19.32 8.18
N SER A 279 11.55 -18.77 7.64
CA SER A 279 11.80 -18.74 6.21
C SER A 279 12.91 -19.74 5.88
N GLU A 280 12.71 -20.47 4.77
CA GLU A 280 13.74 -21.32 4.19
C GLU A 280 14.18 -20.81 2.81
N LYS A 281 13.86 -19.55 2.51
CA LYS A 281 14.17 -18.94 1.22
C LYS A 281 14.92 -17.63 1.40
N GLY A 282 15.64 -17.47 2.51
CA GLY A 282 16.23 -16.21 2.84
C GLY A 282 15.27 -15.27 3.53
N PHE A 283 15.77 -14.13 3.97
CA PHE A 283 14.93 -13.17 4.68
C PHE A 283 13.76 -12.77 3.80
N GLN A 284 12.56 -12.75 4.41
CA GLN A 284 11.35 -12.31 3.77
C GLN A 284 10.59 -11.39 4.71
N GLN A 285 10.04 -10.31 4.16
CA GLN A 285 9.17 -9.42 4.93
C GLN A 285 7.98 -9.05 4.08
N ILE A 286 6.81 -9.04 4.72
CA ILE A 286 5.59 -8.47 4.17
C ILE A 286 5.17 -7.41 5.18
N SER A 287 5.10 -6.17 4.74
CA SER A 287 4.87 -5.05 5.66
C SER A 287 4.04 -3.94 5.03
N PHE A 288 3.31 -3.25 5.89
CA PHE A 288 2.47 -2.13 5.53
C PHE A 288 2.70 -1.00 6.51
N VAL A 289 2.82 0.19 5.97
CA VAL A 289 2.86 1.43 6.75
C VAL A 289 1.65 2.23 6.31
N ASN A 290 0.70 2.47 7.23
CA ASN A 290 -0.46 3.28 6.91
C ASN A 290 -1.14 2.76 5.64
N SER A 291 -1.26 1.44 5.55
CA SER A 291 -1.90 0.71 4.46
C SER A 291 -1.16 0.78 3.12
N ILE A 292 0.03 1.34 3.09
CA ILE A 292 0.93 1.24 1.94
C ILE A 292 1.74 -0.04 2.05
N ALA A 293 1.85 -0.79 0.95
CA ALA A 293 2.72 -1.97 0.92
C ALA A 293 4.18 -1.50 0.74
N THR A 294 4.97 -1.61 1.80
CA THR A 294 6.36 -1.17 1.77
C THR A 294 7.21 -2.34 1.26
N THR A 295 7.17 -2.50 -0.07
CA THR A 295 7.73 -3.67 -0.74
C THR A 295 9.25 -3.69 -0.78
N LYS A 296 9.93 -2.61 -0.40
CA LYS A 296 11.36 -2.65 -0.17
C LYS A 296 11.71 -2.50 1.30
N GLY A 297 10.69 -2.50 2.15
CA GLY A 297 10.89 -2.50 3.58
C GLY A 297 11.09 -1.11 4.15
N GLY A 298 12.04 -0.97 5.08
CA GLY A 298 12.33 0.30 5.69
C GLY A 298 12.63 0.15 7.18
N ARG A 299 12.68 1.31 7.85
CA ARG A 299 13.14 1.34 9.22
CA ARG A 299 13.15 1.32 9.22
C ARG A 299 12.18 0.63 10.17
N HIS A 300 10.90 0.56 9.80
CA HIS A 300 9.93 -0.17 10.61
C HIS A 300 10.22 -1.67 10.61
N VAL A 301 10.62 -2.21 9.45
CA VAL A 301 10.99 -3.63 9.37
C VAL A 301 12.24 -3.87 10.20
N ASP A 302 13.26 -3.04 10.00
CA ASP A 302 14.50 -3.20 10.75
C ASP A 302 14.26 -3.12 12.26
N TYR A 303 13.39 -2.20 12.68
CA TYR A 303 13.10 -2.00 14.10
C TYR A 303 12.55 -3.28 14.73
N VAL A 304 11.60 -3.93 14.06
CA VAL A 304 11.01 -5.16 14.59
C VAL A 304 12.01 -6.29 14.51
N VAL A 305 12.63 -6.48 13.34
CA VAL A 305 13.51 -7.62 13.10
C VAL A 305 14.72 -7.57 14.03
N ASP A 306 15.30 -6.38 14.22
CA ASP A 306 16.49 -6.30 15.09
C ASP A 306 16.18 -6.79 16.51
N GLN A 307 14.97 -6.52 17.01
CA GLN A 307 14.61 -7.01 18.34
C GLN A 307 14.61 -8.53 18.36
N VAL A 308 13.95 -9.13 17.37
CA VAL A 308 13.87 -10.58 17.32
C VAL A 308 15.27 -11.16 17.18
N VAL A 309 16.07 -10.59 16.28
CA VAL A 309 17.41 -11.11 16.05
C VAL A 309 18.22 -11.06 17.34
N GLY A 310 18.15 -9.95 18.07
CA GLY A 310 18.91 -9.83 19.30
C GLY A 310 18.56 -10.91 20.31
N LYS A 311 17.26 -11.16 20.51
CA LYS A 311 16.83 -12.15 21.47
C LYS A 311 17.20 -13.56 21.01
N LEU A 312 17.06 -13.83 19.71
CA LEU A 312 17.38 -15.17 19.25
C LEU A 312 18.88 -15.43 19.31
N ILE A 313 19.69 -14.39 19.11
CA ILE A 313 21.13 -14.59 19.30
C ILE A 313 21.40 -15.05 20.72
N GLU A 314 20.74 -14.42 21.70
CA GLU A 314 20.89 -14.84 23.09
C GLU A 314 20.53 -16.32 23.26
N VAL A 315 19.42 -16.75 22.66
CA VAL A 315 18.99 -18.13 22.85
C VAL A 315 20.01 -19.08 22.26
N VAL A 316 20.43 -18.82 21.02
CA VAL A 316 21.41 -19.71 20.39
C VAL A 316 22.67 -19.78 21.23
N LYS A 317 23.13 -18.64 21.74
CA LYS A 317 24.38 -18.57 22.49
C LYS A 317 24.36 -19.48 23.71
N LYS A 318 23.20 -19.64 24.34
CA LYS A 318 23.09 -20.56 25.47
C LYS A 318 23.19 -22.02 25.05
N LYS A 319 23.30 -22.30 23.76
CA LYS A 319 23.48 -23.66 23.28
C LYS A 319 24.65 -23.81 22.32
N ASN A 320 25.38 -22.74 22.04
CA ASN A 320 26.55 -22.75 21.17
C ASN A 320 27.77 -22.47 22.05
N LYS A 321 28.33 -23.53 22.64
CA LYS A 321 29.47 -23.38 23.54
C LYS A 321 30.76 -23.54 22.76
N VAL A 324 30.42 -21.41 15.32
CA VAL A 324 30.69 -20.85 16.64
C VAL A 324 30.03 -19.48 16.76
N SER A 325 30.66 -18.47 16.17
CA SER A 325 30.10 -17.13 16.17
C SER A 325 28.94 -17.07 15.18
N VAL A 326 27.73 -16.86 15.70
CA VAL A 326 26.53 -16.77 14.89
C VAL A 326 26.24 -15.29 14.63
N LYS A 327 26.13 -14.93 13.35
CA LYS A 327 26.03 -13.54 12.95
C LYS A 327 24.58 -13.14 12.72
N PRO A 328 24.23 -11.90 13.06
CA PRO A 328 22.85 -11.44 12.79
C PRO A 328 22.33 -11.76 11.41
N PHE A 329 23.12 -11.58 10.34
CA PHE A 329 22.59 -11.84 9.00
C PHE A 329 22.17 -13.30 8.85
N GLN A 330 22.85 -14.21 9.56
CA GLN A 330 22.49 -15.62 9.51
C GLN A 330 21.14 -15.86 10.19
N VAL A 331 20.86 -15.16 11.29
CA VAL A 331 19.56 -15.29 11.92
C VAL A 331 18.48 -14.68 11.03
N LYS A 332 18.72 -13.48 10.52
CA LYS A 332 17.73 -12.83 9.66
C LYS A 332 17.41 -13.68 8.44
N ASN A 333 18.39 -14.46 7.96
CA ASN A 333 18.22 -15.33 6.80
C ASN A 333 17.10 -16.34 6.99
N HIS A 334 16.71 -16.61 8.23
CA HIS A 334 15.68 -17.59 8.53
C HIS A 334 14.36 -16.98 8.96
N ILE A 335 14.19 -15.67 8.84
CA ILE A 335 13.00 -14.98 9.33
C ILE A 335 12.07 -14.63 8.18
N TRP A 336 10.78 -14.95 8.36
CA TRP A 336 9.70 -14.41 7.55
C TRP A 336 8.83 -13.59 8.50
N VAL A 337 8.83 -12.27 8.33
CA VAL A 337 8.14 -11.36 9.23
C VAL A 337 7.01 -10.65 8.50
N PHE A 338 5.90 -10.46 9.19
CA PHE A 338 4.73 -9.73 8.71
C PHE A 338 4.45 -8.59 9.67
N ILE A 339 4.32 -7.37 9.17
CA ILE A 339 4.16 -6.20 10.02
C ILE A 339 3.07 -5.31 9.45
N ASN A 340 2.13 -4.92 10.30
CA ASN A 340 1.15 -3.89 9.97
C ASN A 340 1.30 -2.79 10.99
N CYS A 341 1.68 -1.59 10.55
CA CYS A 341 1.96 -0.52 11.51
C CYS A 341 1.40 0.81 11.04
N LEU A 342 1.22 1.69 12.03
CA LEU A 342 0.74 3.05 11.83
C LEU A 342 1.84 3.98 12.33
N ILE A 343 2.39 4.77 11.40
CA ILE A 343 3.54 5.63 11.64
C ILE A 343 3.09 7.09 11.44
N GLU A 344 3.47 7.96 12.37
CA GLU A 344 3.16 9.37 12.21
C GLU A 344 4.08 10.01 11.17
N ASN A 345 3.47 10.72 10.21
CA ASN A 345 4.19 11.50 9.22
C ASN A 345 5.39 10.75 8.63
N PRO A 346 5.17 9.57 8.05
CA PRO A 346 6.27 8.81 7.48
C PRO A 346 6.97 9.51 6.33
N THR A 347 8.24 9.18 6.15
CA THR A 347 9.01 9.61 4.99
C THR A 347 9.40 8.39 4.17
N PHE A 348 9.59 8.62 2.87
CA PHE A 348 9.98 7.60 1.91
C PHE A 348 10.94 8.26 0.92
N ASP A 349 11.76 7.48 0.25
CA ASP A 349 12.70 8.08 -0.69
C ASP A 349 12.12 8.23 -2.10
N SER A 350 10.86 7.87 -2.29
CA SER A 350 10.23 7.99 -3.60
CA SER A 350 10.24 8.05 -3.58
C SER A 350 8.74 8.19 -3.41
N GLN A 351 8.10 8.78 -4.42
CA GLN A 351 6.65 8.87 -4.43
C GLN A 351 6.01 7.48 -4.38
N THR A 352 6.68 6.47 -4.93
CA THR A 352 6.10 5.11 -4.92
C THR A 352 6.09 4.47 -3.55
N LYS A 353 6.85 5.03 -2.59
CA LYS A 353 6.71 4.64 -1.17
CA LYS A 353 6.72 4.65 -1.18
C LYS A 353 7.02 3.18 -0.91
N GLU A 354 8.01 2.63 -1.62
CA GLU A 354 8.38 1.24 -1.36
C GLU A 354 9.27 1.09 -0.14
N ASN A 355 9.98 2.15 0.26
CA ASN A 355 10.98 2.09 1.32
C ASN A 355 10.74 3.23 2.29
N MET A 356 10.37 2.89 3.53
CA MET A 356 10.01 3.88 4.54
C MET A 356 11.23 4.21 5.38
N THR A 357 11.64 5.47 5.34
CA THR A 357 12.97 5.87 5.80
C THR A 357 12.96 6.61 7.14
N LEU A 358 11.80 6.82 7.74
CA LEU A 358 11.73 7.57 8.98
C LEU A 358 12.39 6.79 10.10
N GLN A 359 13.19 7.47 10.93
CA GLN A 359 13.88 6.78 12.00
C GLN A 359 12.90 6.43 13.14
N PRO A 360 13.15 5.32 13.84
CA PRO A 360 12.21 4.88 14.88
C PRO A 360 11.90 5.90 15.94
N LYS A 361 12.88 6.74 16.30
CA LYS A 361 12.60 7.72 17.34
C LYS A 361 11.47 8.68 16.93
N SER A 362 11.18 8.78 15.64
CA SER A 362 10.15 9.68 15.12
C SER A 362 8.83 8.99 14.81
N PHE A 363 8.69 7.69 15.11
CA PHE A 363 7.49 6.96 14.69
C PHE A 363 6.22 7.47 15.37
N GLY A 364 6.33 7.99 16.60
CA GLY A 364 5.18 8.32 17.41
C GLY A 364 4.69 7.22 18.32
N SER A 365 5.29 6.04 18.25
CA SER A 365 4.95 4.92 19.11
C SER A 365 6.13 3.98 19.08
N LYS A 366 6.09 3.00 19.96
CA LYS A 366 7.10 1.95 20.01
C LYS A 366 6.41 0.62 19.83
N CYS A 367 7.21 -0.38 19.49
CA CYS A 367 6.77 -1.76 19.40
C CYS A 367 7.75 -2.53 20.28
N GLN A 368 7.41 -2.69 21.54
CA GLN A 368 8.26 -3.45 22.45
C GLN A 368 7.64 -4.83 22.57
N LEU A 369 8.20 -5.79 21.83
CA LEU A 369 7.66 -7.14 21.85
C LEU A 369 7.86 -7.79 23.21
N SER A 370 6.91 -8.64 23.58
CA SER A 370 6.88 -9.20 24.93
C SER A 370 7.83 -10.39 25.04
N GLU A 371 8.22 -10.70 26.29
CA GLU A 371 9.04 -11.89 26.51
C GLU A 371 8.30 -13.15 26.06
N LYS A 372 6.97 -13.14 26.16
CA LYS A 372 6.19 -14.28 25.67
C LYS A 372 6.36 -14.44 24.16
N PHE A 373 6.30 -13.33 23.43
CA PHE A 373 6.55 -13.39 21.99
C PHE A 373 7.95 -13.92 21.70
N PHE A 374 8.96 -13.44 22.43
CA PHE A 374 10.31 -13.88 22.12
C PHE A 374 10.50 -15.36 22.44
N LYS A 375 9.91 -15.84 23.54
CA LYS A 375 9.93 -17.27 23.81
C LYS A 375 9.26 -18.07 22.70
N ALA A 376 8.10 -17.60 22.22
CA ALA A 376 7.45 -18.28 21.12
C ALA A 376 8.34 -18.27 19.88
N ALA A 377 9.03 -17.15 19.63
CA ALA A 377 9.89 -17.05 18.48
C ALA A 377 11.02 -18.05 18.56
N SER A 378 11.47 -18.37 19.77
CA SER A 378 12.53 -19.33 19.92
C SER A 378 12.06 -20.75 19.65
N ASN A 379 10.76 -20.95 19.44
CA ASN A 379 10.20 -22.27 19.17
C ASN A 379 9.67 -22.47 17.75
N CYS A 380 9.90 -21.54 16.84
N CYS A 380 9.92 -21.53 16.85
CA CYS A 380 9.32 -21.64 15.50
CA CYS A 380 9.36 -21.60 15.51
C CYS A 380 10.30 -22.17 14.46
C CYS A 380 10.17 -22.46 14.57
N GLY A 381 11.42 -22.74 14.89
CA GLY A 381 12.32 -23.46 14.02
C GLY A 381 13.52 -22.65 13.57
N ILE A 382 13.55 -21.36 13.89
CA ILE A 382 14.69 -20.53 13.50
C ILE A 382 15.92 -20.94 14.30
N VAL A 383 15.77 -21.05 15.62
CA VAL A 383 16.90 -21.42 16.46
C VAL A 383 17.46 -22.77 16.04
N GLU A 384 16.56 -23.73 15.80
CA GLU A 384 17.00 -25.05 15.36
C GLU A 384 17.81 -24.97 14.08
N SER A 385 17.35 -24.18 13.10
CA SER A 385 18.05 -24.05 11.83
C SER A 385 19.43 -23.42 12.03
N ILE A 386 19.55 -22.47 12.94
CA ILE A 386 20.85 -21.85 13.19
C ILE A 386 21.78 -22.83 13.87
N LEU A 387 21.28 -23.53 14.88
CA LEU A 387 22.10 -24.47 15.63
C LEU A 387 22.57 -25.60 14.74
N ASN A 388 21.65 -26.16 13.93
CA ASN A 388 22.04 -27.20 12.99
C ASN A 388 23.21 -26.72 12.13
N TRP A 389 23.20 -25.45 11.74
CA TRP A 389 24.30 -24.93 10.95
C TRP A 389 25.57 -24.73 11.78
N VAL A 390 25.43 -24.45 13.09
CA VAL A 390 26.60 -24.33 13.95
C VAL A 390 27.39 -25.63 13.99
N LYS A 391 26.76 -26.75 13.65
CA LYS A 391 27.53 -27.99 13.51
C LYS A 391 28.43 -27.96 12.27
N PHE A 392 28.12 -27.14 11.28
CA PHE A 392 28.95 -26.98 10.09
C PHE A 392 29.68 -25.63 10.15
PG ANP B . 0.26 11.59 -1.88
O1G ANP B . -0.73 10.50 -2.15
O2G ANP B . 0.80 12.27 -3.18
O3G ANP B . 1.47 11.15 -0.98
PB ANP B . -2.12 12.99 -0.85
O1B ANP B . -2.91 11.75 -0.64
O2B ANP B . -2.43 14.05 0.22
N3B ANP B . -0.47 12.77 -0.86
PA ANP B . -3.46 13.02 -3.38
O1A ANP B . -3.17 13.69 -4.66
O2A ANP B . -3.38 11.50 -3.39
O3A ANP B . -2.46 13.59 -2.27
O5' ANP B . -4.88 13.41 -2.85
C5' ANP B . -5.16 14.83 -2.75
C4' ANP B . -6.10 15.08 -1.60
O4' ANP B . -7.42 14.65 -1.97
C3' ANP B . -5.79 14.33 -0.31
O3' ANP B . -4.83 15.06 0.44
C2' ANP B . -7.15 14.24 0.36
O2' ANP B . -7.43 15.43 1.10
C1' ANP B . -8.12 14.20 -0.82
N9 ANP B . -8.67 12.88 -1.12
C8 ANP B . -8.21 11.98 -2.06
N7 ANP B . -8.92 10.89 -2.12
C5 ANP B . -9.92 11.07 -1.16
C6 ANP B . -10.98 10.26 -0.74
N6 ANP B . -11.23 9.04 -1.23
N1 ANP B . -11.80 10.74 0.23
C2 ANP B . -11.54 11.96 0.73
N3 ANP B . -10.56 12.82 0.41
C4 ANP B . -9.77 12.30 -0.55
HNB1 ANP B . -0.27 12.51 -0.02
H5'1 ANP B . -4.33 15.31 -2.59
H5'2 ANP B . -5.57 15.14 -3.57
H4' ANP B . -6.15 16.04 -1.40
H3' ANP B . -5.47 13.43 -0.51
HO3' ANP B . -4.58 14.61 1.16
H2' ANP B . -7.21 13.42 0.87
HO2' ANP B . -7.97 15.22 1.77
H1' ANP B . -8.83 14.83 -0.62
H8 ANP B . -7.45 12.15 -2.60
HN61 ANP B . -12.00 8.60 -0.98
HN62 ANP B . -10.64 8.65 -1.80
H2 ANP B . -12.15 12.26 1.42
C1 A1ASC C . 12.18 -15.46 -2.74
C2 A1ASC C . 9.30 -13.70 -1.60
C3 A1ASC C . 8.13 -12.08 -2.44
C5 A1ASC C . 5.62 -8.25 -3.33
C8 A1ASC C . 4.76 -7.69 -0.50
C11 A1ASC C . 7.46 -6.92 -4.93
C12 A1ASC C . 5.28 -7.10 -4.01
C13 A1ASC C . 6.85 -8.76 -3.47
C14 A1ASC C . 6.19 -6.39 -4.82
C15 A1ASC C . 3.99 -6.76 0.22
C16 A1ASC C . 3.51 -5.47 -4.52
C17 A1ASC C . 6.12 -7.79 -0.24
C20 A1ASC C . 8.20 -10.68 -3.09
N A1ASC C . 9.27 -12.77 -2.52
C A1ASC C . 4.48 -8.91 -2.61
O A1ASC C . 7.05 -9.94 -2.78
C10 A1ASC C . 4.47 -4.73 -5.38
C18 A1ASC C . 4.56 -5.89 1.13
C19 A1ASC C . 6.72 -4.40 -6.38
C1A A1ASC C . 10.52 -14.46 -3.74
C1B A1ASC C . 2.88 -9.12 -0.80
C1C A1ASC C . 9.48 -13.32 -3.71
C1E A1ASC C . 6.11 -3.24 -7.20
C1F A1ASC C . 5.94 -5.97 1.35
C1G A1ASC C . 2.43 -6.77 -0.06
C1H A1ASC C . 7.13 -2.60 -8.14
C1I A1ASC C . 2.04 -8.28 0.08
C1J A1ASC C . 10.62 -14.48 -1.57
C1K A1ASC C . 6.72 -6.92 0.68
C7 A1ASC C . 7.80 -8.10 -4.26
C9 A1ASC C . 5.69 -5.13 -5.51
N4 A1ASC C . 4.02 -8.57 -1.34
N6 A1ASC C . 11.29 -14.47 -2.71
O1 A1ASC C . 3.94 -6.60 -3.87
O2 A1ASC C . 3.85 -9.74 -3.26
O3 A1ASC C . 2.36 -5.13 -4.35
H1C A1ASC C . 11.66 -16.40 -2.92
H1A A1ASC C . 12.87 -15.29 -3.55
H1B A1ASC C . 12.71 -15.52 -1.80
H2B A1ASC C . 9.15 -13.24 -0.63
H2A A1ASC C . 8.49 -14.40 -1.80
H3A A1ASC C . 7.87 -11.95 -1.40
H3B A1ASC C . 7.35 -12.65 -2.94
H11 A1ASC C . 8.20 -6.41 -5.52
H17 A1ASC C . 6.71 -8.55 -0.73
H20B A1ASC C . 9.07 -10.17 -2.72
H20A A1ASC C . 8.27 -10.79 -4.17
H10 A1ASC C . 4.13 -3.84 -5.91
H18 A1ASC C . 3.94 -5.16 1.65
H19A A1ASC C . 7.15 -5.11 -7.08
H19B A1ASC C . 7.51 -4.00 -5.75
H1AA A1ASC C . 11.13 -14.36 -4.63
H1AB A1ASC C . 9.98 -15.42 -3.78
H1BB A1ASC C . 2.26 -9.44 -1.62
H1BA A1ASC C . 3.18 -9.98 -0.21
H1CA A1ASC C . 8.52 -13.72 -4.05
H1CB A1ASC C . 9.81 -12.55 -4.38
H1EB A1ASC C . 5.74 -2.48 -6.50
H1EA A1ASC C . 5.27 -3.62 -7.78
H1F A1ASC C . 6.41 -5.29 2.06
H1GA A1ASC C . 1.91 -6.16 0.67
H1GB A1ASC C . 2.22 -6.40 -1.06
H1HA A1ASC C . 7.93 -2.16 -7.56
H1HC A1ASC C . 6.64 -1.83 -8.73
H1HB A1ASC C . 7.54 -3.37 -8.80
H1IB A1ASC C . 1.00 -8.40 -0.20
H1IA A1ASC C . 2.19 -8.58 1.11
H1JB A1ASC C . 11.25 -14.05 -0.80
H1JA A1ASC C . 10.40 -15.52 -1.31
H1K A1ASC C . 7.79 -6.97 0.85
H7 A1ASC C . 8.81 -8.49 -4.34
MG MG D . -2.70 10.13 -1.96
#